data_8T94
#
_entry.id   8T94
#
_cell.length_a   75.986
_cell.length_b   75.986
_cell.length_c   120.791
_cell.angle_alpha   90.000
_cell.angle_beta   90.000
_cell.angle_gamma   120.000
#
_symmetry.space_group_name_H-M   'P 62 2 2'
#
loop_
_entity.id
_entity.type
_entity.pdbx_description
1 polymer 'Polymerase acidic protein'
2 non-polymer 'MANGANESE (II) ION'
3 non-polymer '(6M)-3-hydroxy-4-oxo-6-[(4M)-4-(1H-tetrazol-5-yl)-2-(trifluoromethyl)phenyl]-1,4-dihydropyridine-2-carboxylic acid'
4 water water
#
_entity_poly.entity_id   1
_entity_poly.type   'polypeptide(L)'
_entity_poly.pdbx_seq_one_letter_code
;MGSGSAMEDFVRQCFNPMIVELAEKAMKEYGEDPKIETNKFAAICTHLEVCFMYSDFGSGDPNALLKHRFEIIEGRDRIM
AWTVVNSICNTTGVEKPKFLPDLYDYKENRFIEIGVTRREVHIYYLEKANKIKSEKTHIHIFSFTGEEMATKADYTLDEE
SRARIKTRLFTIRQEMASRSLWDSFRQSERGE
;
_entity_poly.pdbx_strand_id   A
#
loop_
_chem_comp.id
_chem_comp.type
_chem_comp.name
_chem_comp.formula
IJM non-polymer '(6M)-3-hydroxy-4-oxo-6-[(4M)-4-(1H-tetrazol-5-yl)-2-(trifluoromethyl)phenyl]-1,4-dihydropyridine-2-carboxylic acid' 'C14 H8 F3 N5 O4'
MN non-polymer 'MANGANESE (II) ION' 'Mn 2'
#
# COMPACT_ATOMS: atom_id res chain seq x y z
N SER A 5 7.96 -22.58 6.08
CA SER A 5 6.53 -22.58 5.81
C SER A 5 6.23 -22.23 4.34
N ALA A 6 4.97 -22.45 3.95
CA ALA A 6 4.50 -22.20 2.60
C ALA A 6 4.19 -20.73 2.35
N MET A 7 4.04 -19.91 3.40
CA MET A 7 3.72 -18.51 3.17
C MET A 7 4.92 -17.77 2.59
N GLU A 8 6.12 -18.06 3.08
CA GLU A 8 7.30 -17.41 2.53
C GLU A 8 7.64 -17.98 1.14
N ASP A 9 7.43 -19.29 0.94
CA ASP A 9 7.49 -19.88 -0.39
C ASP A 9 6.56 -19.15 -1.36
N PHE A 10 5.33 -18.90 -0.96
CA PHE A 10 4.38 -18.22 -1.85
C PHE A 10 4.83 -16.80 -2.14
N VAL A 11 5.16 -16.03 -1.09
CA VAL A 11 5.64 -14.67 -1.28
C VAL A 11 6.76 -14.64 -2.30
N ARG A 12 7.72 -15.55 -2.17
CA ARG A 12 8.80 -15.57 -3.12
C ARG A 12 8.35 -16.05 -4.51
N GLN A 13 7.23 -16.76 -4.61
CA GLN A 13 6.71 -17.13 -5.93
C GLN A 13 6.05 -15.95 -6.61
N CYS A 14 5.21 -15.19 -5.89
CA CYS A 14 4.28 -14.27 -6.53
C CYS A 14 4.74 -12.82 -6.58
N PHE A 15 5.73 -12.43 -5.78
CA PHE A 15 6.15 -11.03 -5.72
C PHE A 15 7.55 -10.88 -6.27
N ASN A 16 7.76 -9.85 -7.09
CA ASN A 16 9.02 -9.78 -7.81
C ASN A 16 10.17 -9.50 -6.84
N PRO A 17 11.39 -9.95 -7.16
CA PRO A 17 12.49 -9.91 -6.19
C PRO A 17 12.70 -8.56 -5.51
N MET A 18 12.56 -7.44 -6.24
CA MET A 18 12.70 -6.11 -5.65
C MET A 18 11.70 -5.92 -4.52
N ILE A 19 10.43 -6.23 -4.76
CA ILE A 19 9.38 -6.07 -3.75
C ILE A 19 9.70 -6.90 -2.51
N VAL A 20 10.16 -8.14 -2.71
CA VAL A 20 10.52 -9.00 -1.58
C VAL A 20 11.65 -8.37 -0.76
N GLU A 21 12.76 -8.03 -1.43
CA GLU A 21 13.86 -7.37 -0.73
C GLU A 21 13.36 -6.16 0.06
N LEU A 22 12.49 -5.34 -0.53
CA LEU A 22 12.03 -4.14 0.16
C LEU A 22 11.19 -4.49 1.38
N ALA A 23 10.30 -5.48 1.26
CA ALA A 23 9.49 -5.87 2.40
C ALA A 23 10.35 -6.53 3.47
N GLU A 24 11.40 -7.27 3.07
CA GLU A 24 12.27 -7.91 4.04
C GLU A 24 13.10 -6.88 4.80
N LYS A 25 13.56 -5.84 4.10
CA LYS A 25 14.24 -4.72 4.76
C LYS A 25 13.28 -4.00 5.70
N ALA A 26 12.05 -3.77 5.23
CA ALA A 26 11.05 -3.15 6.10
C ALA A 26 10.87 -3.98 7.38
N MET A 27 10.80 -5.30 7.24
CA MET A 27 10.64 -6.16 8.41
C MET A 27 11.88 -6.10 9.31
N LYS A 28 13.06 -6.23 8.72
CA LYS A 28 14.28 -6.24 9.52
C LYS A 28 14.50 -4.91 10.26
N GLU A 29 13.91 -3.81 9.78
CA GLU A 29 14.07 -2.53 10.49
C GLU A 29 13.63 -2.65 11.94
N TYR A 30 12.36 -2.94 12.17
CA TYR A 30 11.86 -2.98 13.54
C TYR A 30 12.07 -4.35 14.23
N GLY A 31 12.89 -5.23 13.67
CA GLY A 31 13.17 -6.49 14.33
C GLY A 31 12.19 -7.61 14.02
N GLU A 32 11.29 -7.41 13.08
CA GLU A 32 10.36 -8.45 12.68
C GLU A 32 11.03 -9.43 11.72
N ASP A 33 10.69 -10.72 11.85
CA ASP A 33 11.33 -11.74 11.02
C ASP A 33 10.35 -12.35 10.03
N PRO A 34 10.64 -12.27 8.73
CA PRO A 34 9.69 -12.75 7.72
C PRO A 34 9.37 -14.24 7.83
N LYS A 35 10.26 -15.04 8.44
CA LYS A 35 10.01 -16.48 8.57
C LYS A 35 9.11 -16.81 9.76
N ILE A 36 8.84 -15.84 10.64
CA ILE A 36 7.95 -16.00 11.78
C ILE A 36 6.64 -15.27 11.47
N GLU A 37 6.76 -14.00 11.11
CA GLU A 37 5.61 -13.14 10.83
C GLU A 37 5.25 -13.20 9.34
N THR A 38 4.98 -14.43 8.91
CA THR A 38 4.80 -14.69 7.48
C THR A 38 3.60 -13.93 6.91
N ASN A 39 2.56 -13.73 7.71
CA ASN A 39 1.38 -12.99 7.24
C ASN A 39 1.69 -11.50 7.11
N LYS A 40 2.41 -10.94 8.08
CA LYS A 40 2.87 -9.56 7.94
C LYS A 40 3.76 -9.42 6.72
N PHE A 41 4.60 -10.42 6.44
CA PHE A 41 5.46 -10.41 5.26
C PHE A 41 4.62 -10.35 3.97
N ALA A 42 3.59 -11.20 3.88
CA ALA A 42 2.70 -11.15 2.72
C ALA A 42 2.02 -9.79 2.60
N ALA A 43 1.50 -9.28 3.72
CA ALA A 43 0.85 -7.98 3.70
C ALA A 43 1.80 -6.88 3.24
N ILE A 44 3.06 -6.96 3.66
CA ILE A 44 4.02 -5.93 3.27
C ILE A 44 4.27 -5.97 1.77
N CYS A 45 4.53 -7.16 1.24
CA CYS A 45 4.67 -7.28 -0.20
C CYS A 45 3.44 -6.74 -0.92
N THR A 46 2.25 -7.12 -0.47
CA THR A 46 1.04 -6.79 -1.22
C THR A 46 0.88 -5.28 -1.29
N HIS A 47 0.99 -4.62 -0.14
CA HIS A 47 0.83 -3.16 -0.09
C HIS A 47 1.95 -2.47 -0.86
N LEU A 48 3.16 -3.00 -0.79
CA LEU A 48 4.21 -2.43 -1.63
C LEU A 48 3.82 -2.50 -3.08
N GLU A 49 3.39 -3.69 -3.53
CA GLU A 49 3.03 -3.87 -4.93
C GLU A 49 1.90 -2.94 -5.35
N VAL A 50 0.92 -2.75 -4.49
CA VAL A 50 -0.19 -1.89 -4.89
C VAL A 50 0.29 -0.47 -5.03
N CYS A 51 1.11 0.01 -4.09
CA CYS A 51 1.69 1.35 -4.21
C CYS A 51 2.42 1.51 -5.54
N PHE A 52 3.23 0.51 -5.89
CA PHE A 52 4.03 0.62 -7.10
C PHE A 52 3.16 0.60 -8.36
N MET A 53 2.09 -0.21 -8.35
CA MET A 53 1.19 -0.22 -9.50
C MET A 53 0.47 1.10 -9.63
N TYR A 54 0.03 1.65 -8.50
CA TYR A 54 -0.62 2.95 -8.46
C TYR A 54 0.24 4.01 -9.15
N SER A 55 1.48 4.19 -8.66
CA SER A 55 2.36 5.20 -9.27
C SER A 55 2.72 4.87 -10.71
N ASP A 56 2.88 3.59 -11.06
CA ASP A 56 3.19 3.21 -12.43
C ASP A 56 2.06 3.53 -13.39
N PHE A 57 0.83 3.60 -12.90
CA PHE A 57 -0.30 4.00 -13.74
C PHE A 57 -0.34 5.50 -14.00
N GLY A 58 0.75 6.20 -13.65
CA GLY A 58 0.92 7.62 -13.93
C GLY A 58 2.40 7.98 -14.07
N LYS A 67 6.41 12.61 -18.19
CA LYS A 67 5.32 13.02 -17.31
C LYS A 67 5.02 11.91 -16.30
N HIS A 68 5.41 12.13 -15.06
CA HIS A 68 5.13 11.20 -13.97
C HIS A 68 4.13 11.88 -13.05
N ARG A 69 2.91 11.33 -12.97
CA ARG A 69 1.87 11.96 -12.15
C ARG A 69 2.09 11.69 -10.67
N PHE A 70 2.70 10.56 -10.33
CA PHE A 70 2.86 10.15 -8.95
C PHE A 70 4.32 10.05 -8.59
N GLU A 71 4.66 10.57 -7.44
CA GLU A 71 5.96 10.32 -6.81
C GLU A 71 5.76 9.30 -5.71
N ILE A 72 6.57 8.25 -5.73
CA ILE A 72 6.40 7.15 -4.80
C ILE A 72 7.26 7.42 -3.57
N ILE A 73 6.61 7.58 -2.42
CA ILE A 73 7.31 7.76 -1.15
C ILE A 73 7.54 6.43 -0.43
N GLU A 74 6.57 5.51 -0.50
CA GLU A 74 6.63 4.25 0.24
C GLU A 74 7.68 3.32 -0.35
N GLY A 75 8.36 2.58 0.53
CA GLY A 75 9.44 1.71 0.11
C GLY A 75 10.82 2.33 0.21
N ARG A 76 10.87 3.66 0.20
CA ARG A 76 12.17 4.37 0.36
C ARG A 76 12.58 4.33 1.82
N ASP A 77 13.89 4.45 2.08
CA ASP A 77 14.36 4.53 3.48
C ASP A 77 13.83 5.84 4.07
N ARG A 78 13.53 5.86 5.37
CA ARG A 78 12.93 7.06 6.00
C ARG A 78 13.67 8.33 5.61
N ILE A 79 15.01 8.30 5.61
CA ILE A 79 15.83 9.50 5.27
C ILE A 79 15.45 9.96 3.87
N MET A 80 15.54 9.06 2.89
CA MET A 80 15.18 9.45 1.53
C MET A 80 13.72 9.88 1.46
N ALA A 81 12.83 9.15 2.11
CA ALA A 81 11.40 9.42 1.96
C ALA A 81 11.03 10.79 2.52
N TRP A 82 11.55 11.11 3.70
CA TRP A 82 11.28 12.47 4.22
C TRP A 82 11.89 13.47 3.26
N THR A 83 13.15 13.29 2.84
CA THR A 83 13.77 14.20 1.84
C THR A 83 12.80 14.47 0.69
N VAL A 84 12.20 13.43 0.13
CA VAL A 84 11.22 13.59 -1.00
C VAL A 84 10.04 14.42 -0.51
N VAL A 85 9.47 14.10 0.65
CA VAL A 85 8.26 14.81 1.15
C VAL A 85 8.63 16.28 1.38
N ASN A 86 9.74 16.55 2.07
CA ASN A 86 10.15 17.93 2.39
C ASN A 86 10.36 18.70 1.09
N SER A 87 10.99 18.08 0.09
CA SER A 87 11.15 18.74 -1.22
C SER A 87 9.76 19.12 -1.74
N ILE A 88 8.88 18.13 -1.93
CA ILE A 88 7.54 18.40 -2.43
C ILE A 88 6.92 19.57 -1.67
N CYS A 89 7.05 19.58 -0.35
CA CYS A 89 6.43 20.63 0.45
C CYS A 89 7.03 22.00 0.16
N ASN A 90 8.36 22.11 0.07
CA ASN A 90 8.95 23.42 -0.20
C ASN A 90 8.57 23.92 -1.59
N THR A 91 8.54 23.04 -2.59
CA THR A 91 8.29 23.56 -3.93
C THR A 91 6.80 23.81 -4.18
N THR A 92 5.90 23.00 -3.61
CA THR A 92 4.48 23.20 -3.82
C THR A 92 3.83 24.01 -2.71
N GLY A 93 4.47 24.11 -1.54
CA GLY A 93 3.82 24.70 -0.40
C GLY A 93 2.81 23.81 0.30
N VAL A 94 2.61 22.58 -0.18
CA VAL A 94 1.67 21.65 0.46
C VAL A 94 2.05 21.49 1.94
N GLU A 95 1.05 21.17 2.77
CA GLU A 95 1.30 20.97 4.20
C GLU A 95 2.11 19.70 4.40
N LYS A 96 3.03 19.73 5.37
CA LYS A 96 3.92 18.61 5.63
C LYS A 96 3.23 17.59 6.52
N PRO A 97 2.98 16.36 6.06
CA PRO A 97 2.18 15.41 6.83
C PRO A 97 2.91 14.93 8.09
N LYS A 98 2.12 14.39 9.02
CA LYS A 98 2.71 13.94 10.27
C LYS A 98 3.34 12.56 10.09
N PHE A 99 2.64 11.69 9.38
CA PHE A 99 3.19 10.34 9.08
C PHE A 99 3.62 10.31 7.61
N LEU A 100 4.73 9.65 7.33
CA LEU A 100 5.25 9.60 5.95
C LEU A 100 4.18 8.94 5.10
N PRO A 101 3.66 9.58 4.03
CA PRO A 101 2.59 9.00 3.23
C PRO A 101 3.11 8.01 2.18
N ASP A 102 2.23 7.55 1.31
CA ASP A 102 2.61 6.55 0.26
C ASP A 102 2.95 7.25 -1.05
N LEU A 103 2.07 8.12 -1.55
CA LEU A 103 2.38 8.75 -2.83
C LEU A 103 2.14 10.24 -2.75
N TYR A 104 2.69 10.94 -3.75
CA TYR A 104 2.34 12.33 -4.05
C TYR A 104 1.75 12.40 -5.44
N ASP A 105 0.60 13.06 -5.58
CA ASP A 105 -0.08 13.29 -6.86
C ASP A 105 0.25 14.70 -7.33
N TYR A 106 0.99 14.80 -8.44
CA TYR A 106 1.35 16.09 -8.99
C TYR A 106 0.22 16.68 -9.82
N LYS A 107 -0.72 15.85 -10.27
CA LYS A 107 -1.84 16.42 -11.01
C LYS A 107 -2.82 17.06 -10.06
N GLU A 108 -3.21 16.34 -9.02
CA GLU A 108 -4.11 16.84 -7.99
C GLU A 108 -3.36 17.54 -6.86
N ASN A 109 -2.03 17.51 -6.89
CA ASN A 109 -1.19 18.18 -5.90
C ASN A 109 -1.61 17.83 -4.47
N ARG A 110 -1.52 16.54 -4.16
CA ARG A 110 -1.94 16.06 -2.85
C ARG A 110 -1.23 14.75 -2.56
N PHE A 111 -0.83 14.55 -1.31
CA PHE A 111 -0.38 13.24 -0.91
C PHE A 111 -1.55 12.27 -0.91
N ILE A 112 -1.21 10.98 -0.98
CA ILE A 112 -2.16 9.88 -0.96
C ILE A 112 -1.68 8.86 0.06
N GLU A 113 -2.63 8.29 0.82
CA GLU A 113 -2.38 7.12 1.66
C GLU A 113 -3.19 5.95 1.15
N ILE A 114 -2.48 4.85 0.83
CA ILE A 114 -3.02 3.64 0.22
C ILE A 114 -3.23 2.61 1.32
N GLY A 115 -4.41 2.04 1.39
CA GLY A 115 -4.68 0.97 2.35
C GLY A 115 -5.12 -0.29 1.64
N VAL A 116 -4.71 -1.43 2.18
CA VAL A 116 -5.15 -2.72 1.64
C VAL A 116 -5.64 -3.54 2.83
N THR A 117 -6.91 -3.91 2.80
CA THR A 117 -7.58 -4.55 3.93
C THR A 117 -8.22 -5.86 3.54
N ARG A 118 -8.18 -6.82 4.47
CA ARG A 118 -8.96 -8.04 4.44
C ARG A 118 -10.33 -7.87 5.07
N ARG A 119 -10.58 -6.74 5.74
CA ARG A 119 -11.84 -6.44 6.40
C ARG A 119 -12.70 -5.61 5.47
N GLU A 120 -13.77 -5.04 6.01
CA GLU A 120 -14.64 -4.17 5.23
C GLU A 120 -13.90 -2.87 4.95
N VAL A 121 -14.03 -2.36 3.73
CA VAL A 121 -13.23 -1.20 3.36
C VAL A 121 -13.56 0.01 4.21
N HIS A 122 -14.78 0.11 4.74
CA HIS A 122 -15.09 1.31 5.49
C HIS A 122 -14.52 1.25 6.91
N ILE A 123 -14.47 0.05 7.52
CA ILE A 123 -13.72 -0.12 8.77
C ILE A 123 -12.30 0.41 8.64
N TYR A 124 -11.54 -0.12 7.67
CA TYR A 124 -10.15 0.29 7.50
C TYR A 124 -10.05 1.77 7.14
N TYR A 125 -10.92 2.26 6.25
CA TYR A 125 -10.92 3.68 5.92
C TYR A 125 -11.03 4.53 7.19
N LEU A 126 -12.03 4.26 8.03
CA LEU A 126 -12.19 5.07 9.25
C LEU A 126 -10.94 5.00 10.10
N GLU A 127 -10.37 3.79 10.21
CA GLU A 127 -9.11 3.60 10.94
C GLU A 127 -8.01 4.53 10.43
N LYS A 128 -7.79 4.54 9.11
CA LYS A 128 -6.73 5.36 8.51
C LYS A 128 -7.04 6.84 8.67
N ALA A 129 -8.25 7.25 8.34
CA ALA A 129 -8.63 8.64 8.48
C ALA A 129 -8.38 9.12 9.91
N ASN A 130 -8.88 8.37 10.89
CA ASN A 130 -8.68 8.78 12.28
C ASN A 130 -7.19 8.76 12.63
N LYS A 131 -6.42 7.85 12.04
CA LYS A 131 -4.97 7.80 12.27
C LYS A 131 -4.31 9.09 11.81
N ILE A 132 -4.67 9.58 10.62
CA ILE A 132 -3.94 10.67 9.98
C ILE A 132 -4.52 12.02 10.35
N LYS A 133 -5.85 12.12 10.43
CA LYS A 133 -6.55 13.34 10.85
C LYS A 133 -5.99 14.62 10.20
N SER A 134 -5.23 14.44 9.10
CA SER A 134 -4.77 15.51 8.23
C SER A 134 -5.72 15.61 7.04
N GLU A 135 -6.54 16.65 7.00
CA GLU A 135 -7.55 16.77 5.94
C GLU A 135 -6.90 16.75 4.56
N LYS A 136 -5.59 17.05 4.46
CA LYS A 136 -4.98 17.24 3.16
C LYS A 136 -4.58 15.91 2.50
N THR A 137 -4.32 14.86 3.27
CA THR A 137 -3.83 13.61 2.68
C THR A 137 -5.01 12.79 2.15
N HIS A 138 -4.97 12.44 0.86
CA HIS A 138 -6.03 11.64 0.27
C HIS A 138 -5.88 10.18 0.66
N ILE A 139 -7.01 9.51 0.90
CA ILE A 139 -7.04 8.09 1.27
C ILE A 139 -7.70 7.28 0.18
N HIS A 140 -7.05 6.17 -0.20
CA HIS A 140 -7.63 5.20 -1.12
C HIS A 140 -7.39 3.82 -0.53
N ILE A 141 -8.48 3.13 -0.22
CA ILE A 141 -8.49 1.80 0.39
C ILE A 141 -8.92 0.79 -0.66
N PHE A 142 -8.21 -0.33 -0.70
CA PHE A 142 -8.50 -1.43 -1.60
C PHE A 142 -8.72 -2.66 -0.73
N SER A 143 -9.63 -3.54 -1.16
CA SER A 143 -9.83 -4.83 -0.53
C SER A 143 -9.48 -5.97 -1.49
N PHE A 144 -9.42 -7.20 -0.97
CA PHE A 144 -9.23 -8.38 -1.80
C PHE A 144 -10.50 -8.86 -2.45
N THR A 145 -11.58 -8.08 -2.35
CA THR A 145 -12.89 -8.45 -2.86
C THR A 145 -13.38 -7.50 -3.94
N GLY A 146 -12.47 -6.75 -4.54
CA GLY A 146 -12.87 -5.88 -5.63
C GLY A 146 -13.59 -4.65 -5.16
N GLU A 147 -13.36 -4.23 -3.92
CA GLU A 147 -13.99 -3.03 -3.40
C GLU A 147 -12.92 -2.00 -3.12
N GLU A 148 -13.31 -0.73 -3.23
CA GLU A 148 -12.40 0.36 -2.90
C GLU A 148 -13.22 1.43 -2.18
N MET A 149 -12.52 2.25 -1.43
CA MET A 149 -13.13 3.41 -0.78
C MET A 149 -12.08 4.51 -0.73
N ALA A 150 -12.51 5.74 -0.90
CA ALA A 150 -11.55 6.81 -1.12
C ALA A 150 -12.17 8.11 -0.66
N THR A 151 -11.36 8.98 -0.07
CA THR A 151 -11.77 10.31 0.34
C THR A 151 -12.67 10.96 -0.72
N LYS A 152 -13.80 11.50 -0.28
CA LYS A 152 -14.75 12.16 -1.19
C LYS A 152 -15.08 11.29 -2.41
N ALA A 153 -14.79 9.99 -2.38
CA ALA A 153 -15.05 9.13 -3.53
C ALA A 153 -14.35 9.65 -4.77
N ASP A 154 -13.15 10.21 -4.56
CA ASP A 154 -12.29 10.60 -5.66
C ASP A 154 -11.28 9.47 -5.79
N TYR A 155 -11.45 8.66 -6.81
CA TYR A 155 -10.62 7.47 -6.91
C TYR A 155 -9.35 7.71 -7.72
N THR A 156 -9.12 8.95 -8.18
CA THR A 156 -7.83 9.38 -8.69
C THR A 156 -7.47 8.72 -10.02
N LEU A 157 -7.56 7.37 -10.09
CA LEU A 157 -7.18 6.60 -11.27
C LEU A 157 -8.38 6.35 -12.20
N ASP A 158 -8.09 6.03 -13.46
CA ASP A 158 -9.18 5.65 -14.35
C ASP A 158 -9.60 4.21 -14.05
N GLU A 159 -10.72 3.79 -14.67
CA GLU A 159 -11.35 2.54 -14.28
C GLU A 159 -10.44 1.35 -14.52
N GLU A 160 -9.73 1.37 -15.65
CA GLU A 160 -8.85 0.25 -16.00
C GLU A 160 -7.74 0.06 -14.99
N SER A 161 -7.13 1.17 -14.54
CA SER A 161 -6.06 1.10 -13.55
C SER A 161 -6.54 0.49 -12.24
N ARG A 162 -7.67 0.99 -11.75
CA ARG A 162 -8.19 0.45 -10.50
C ARG A 162 -8.61 -1.00 -10.67
N ALA A 163 -9.06 -1.40 -11.87
CA ALA A 163 -9.36 -2.80 -12.14
C ALA A 163 -8.11 -3.65 -12.15
N ARG A 164 -7.03 -3.19 -12.78
CA ARG A 164 -5.78 -3.92 -12.71
C ARG A 164 -5.41 -4.19 -11.25
N ILE A 165 -5.53 -3.16 -10.41
CA ILE A 165 -5.19 -3.34 -9.00
C ILE A 165 -6.15 -4.34 -8.35
N LYS A 166 -7.46 -4.12 -8.48
CA LYS A 166 -8.41 -5.02 -7.85
C LYS A 166 -8.13 -6.46 -8.27
N THR A 167 -7.91 -6.67 -9.58
CA THR A 167 -7.66 -8.01 -10.09
C THR A 167 -6.44 -8.64 -9.43
N ARG A 168 -5.32 -7.90 -9.38
CA ARG A 168 -4.13 -8.48 -8.77
C ARG A 168 -4.38 -8.85 -7.33
N LEU A 169 -5.10 -8.00 -6.59
CA LEU A 169 -5.36 -8.29 -5.18
C LEU A 169 -6.19 -9.57 -5.06
N PHE A 170 -7.29 -9.64 -5.81
CA PHE A 170 -8.11 -10.85 -5.81
C PHE A 170 -7.28 -12.07 -6.15
N THR A 171 -6.32 -11.92 -7.06
CA THR A 171 -5.49 -13.03 -7.49
C THR A 171 -4.56 -13.50 -6.38
N ILE A 172 -3.97 -12.55 -5.64
CA ILE A 172 -3.17 -12.95 -4.47
C ILE A 172 -4.04 -13.72 -3.49
N ARG A 173 -5.23 -13.20 -3.22
CA ARG A 173 -6.10 -13.91 -2.28
C ARG A 173 -6.39 -15.32 -2.78
N GLN A 174 -6.64 -15.47 -4.07
CA GLN A 174 -7.02 -16.78 -4.57
C GLN A 174 -5.82 -17.73 -4.60
N GLU A 175 -4.61 -17.19 -4.79
CA GLU A 175 -3.41 -18.01 -4.74
C GLU A 175 -3.12 -18.44 -3.30
N MET A 176 -3.37 -17.54 -2.34
CA MET A 176 -3.27 -17.95 -0.94
C MET A 176 -4.29 -19.03 -0.62
N ALA A 177 -5.51 -18.90 -1.16
CA ALA A 177 -6.54 -19.89 -0.90
C ALA A 177 -6.17 -21.25 -1.49
N SER A 178 -5.71 -21.29 -2.74
CA SER A 178 -5.34 -22.58 -3.32
C SER A 178 -4.26 -23.27 -2.49
N ARG A 179 -3.39 -22.50 -1.83
CA ARG A 179 -2.37 -22.98 -0.92
C ARG A 179 -2.84 -23.07 0.53
N SER A 180 -4.14 -22.88 0.77
CA SER A 180 -4.71 -22.93 2.11
C SER A 180 -4.08 -21.92 3.07
N LEU A 181 -3.62 -20.77 2.57
CA LEU A 181 -3.10 -19.74 3.46
C LEU A 181 -4.09 -18.59 3.69
N TRP A 182 -5.25 -18.61 3.03
CA TRP A 182 -6.12 -17.44 3.08
C TRP A 182 -6.72 -17.23 4.48
N ASP A 183 -7.25 -18.29 5.11
CA ASP A 183 -7.95 -18.06 6.38
C ASP A 183 -7.02 -17.50 7.45
N SER A 184 -5.76 -17.95 7.46
CA SER A 184 -4.79 -17.38 8.37
C SER A 184 -4.49 -15.94 8.01
N PHE A 185 -4.35 -15.66 6.71
CA PHE A 185 -4.01 -14.32 6.28
C PHE A 185 -5.10 -13.32 6.64
N ARG A 186 -6.36 -13.64 6.30
CA ARG A 186 -7.46 -12.73 6.58
C ARG A 186 -7.74 -12.59 8.09
N GLN A 187 -7.51 -13.63 8.91
CA GLN A 187 -7.71 -13.38 10.34
C GLN A 187 -6.55 -12.65 11.00
N SER A 188 -5.51 -12.26 10.26
CA SER A 188 -4.26 -11.84 10.88
C SER A 188 -4.31 -10.37 11.33
N GLU A 189 -4.42 -9.43 10.39
CA GLU A 189 -4.77 -8.06 10.76
C GLU A 189 -5.50 -7.37 9.61
N ARG A 190 -5.23 -6.09 9.37
CA ARG A 190 -6.05 -5.25 8.44
C ARG A 190 -6.41 -5.97 7.15
MN MN B . -0.25 2.59 3.17
MN MN C . 3.16 3.99 3.82
C02 IJM D . 3.85 2.32 6.34
C03 IJM D . 2.60 1.46 6.25
C05 IJM D . 1.39 -0.65 6.98
C06 IJM D . 1.27 -1.93 7.78
C07 IJM D . 1.04 -1.80 9.15
C08 IJM D . 0.90 -2.92 9.94
C09 IJM D . 0.99 -4.18 9.35
C10 IJM D . 0.82 -5.41 10.23
C15 IJM D . 1.21 -4.30 7.97
C16 IJM D . 1.35 -3.18 7.17
C17 IJM D . 1.60 -3.34 5.66
C21 IJM D . 0.19 -0.28 6.10
C22 IJM D . 1.41 1.83 5.37
C24 IJM D . 0.22 0.97 5.31
F18 IJM D . 0.47 -3.10 4.93
F19 IJM D . 2.63 -2.54 5.23
F20 IJM D . 1.99 -4.62 5.42
N04 IJM D . 2.58 0.22 7.04
N11 IJM D . 0.25 -6.60 9.85
N12 IJM D . 0.25 -7.42 10.92
N13 IJM D . 0.79 -6.78 11.93
N14 IJM D . 1.14 -5.52 11.55
O01 IJM D . 3.93 3.41 5.72
O23 IJM D . 1.42 2.98 4.60
O25 IJM D . -0.71 1.24 4.62
O26 IJM D . 4.80 1.91 7.07
H071 IJM D . 0.95 -0.82 9.59
H081 IJM D . 0.72 -2.82 11.00
H151 IJM D . 1.26 -5.29 7.52
H211 IJM D . -0.67 -0.93 6.08
H041 IJM D . 3.37 -0.02 7.62
H141 IJM D . 1.57 -4.83 12.12
#